data_7TH1
#
_entry.id   7TH1
#
_cell.length_a   40.279
_cell.length_b   60.265
_cell.length_c   66.592
_cell.angle_alpha   90.000
_cell.angle_beta   90.000
_cell.angle_gamma   90.000
#
_symmetry.space_group_name_H-M   'P 21 21 21'
#
loop_
_entity.id
_entity.type
_entity.pdbx_description
1 polymer 'Peptidyl-prolyl cis-trans isomerase F, mitochondrial'
2 non-polymer (4S,7S,11R,13E,19S)-N-[2-(2-aminoethoxy)ethyl]-7-benzyl-4-[(3-methylphenyl)methyl]-3,6,12,15,21-pentaoxo-1,3,4,5,6,7,8,9,10,12,15,16,17,18,19,20,21,22-octadecahydro-2H-7,11-methano-2,5,11,16,20-benzopentaazacyclotetracosine-19-carboxamide
3 water water
#
_entity_poly.entity_id   1
_entity_poly.type   'polypeptide(L)'
_entity_poly.pdbx_seq_one_letter_code
;NANPLVYLDVDANGKPLGRVVLELKADVVPKTAENFRALCTGEKGFGYKGSTFHRVIPSFMCQAGDFTNHNGTGGKSIYG
SRFPDENFTLKHVGPGVLSMANAGPNTNGSQFFICTIKTDWLDGKHVVFGHVIEGMDVVKKIESFGSKSGRTSKKIVITD
CGQLS
;
_entity_poly.pdbx_strand_id   X
#
# COMPACT_ATOMS: atom_id res chain seq x y z
N ASN A 1 -14.22 -18.83 -2.34
CA ASN A 1 -14.35 -17.43 -2.84
C ASN A 1 -13.02 -16.90 -3.34
N ALA A 2 -13.08 -16.22 -4.48
CA ALA A 2 -11.88 -15.75 -5.15
C ALA A 2 -11.25 -14.58 -4.42
N ASN A 3 -9.93 -14.50 -4.51
CA ASN A 3 -9.26 -13.38 -3.87
C ASN A 3 -9.68 -12.07 -4.52
N PRO A 4 -9.90 -11.02 -3.74
CA PRO A 4 -10.30 -9.73 -4.32
C PRO A 4 -9.20 -9.12 -5.17
N LEU A 5 -9.62 -8.45 -6.24
CA LEU A 5 -8.74 -7.61 -7.03
C LEU A 5 -9.16 -6.16 -6.79
N VAL A 6 -8.18 -5.30 -6.53
CA VAL A 6 -8.45 -3.88 -6.30
C VAL A 6 -7.47 -3.07 -7.14
N TYR A 7 -7.76 -1.79 -7.26
CA TYR A 7 -6.94 -0.92 -8.08
C TYR A 7 -6.62 0.40 -7.40
N LEU A 8 -5.48 0.95 -7.81
CA LEU A 8 -5.06 2.30 -7.51
C LEU A 8 -4.75 3.01 -8.83
N ASP A 9 -5.40 4.15 -9.05
CA ASP A 9 -5.08 5.04 -10.17
C ASP A 9 -4.25 6.19 -9.65
N VAL A 10 -3.07 6.41 -10.23
CA VAL A 10 -2.05 7.26 -9.61
C VAL A 10 -1.62 8.37 -10.56
N ASP A 11 -1.51 9.59 -10.02
CA ASP A 11 -1.01 10.77 -10.70
C ASP A 11 0.35 11.14 -10.15
N ALA A 12 1.16 11.80 -10.98
CA ALA A 12 2.34 12.54 -10.56
C ALA A 12 2.20 13.98 -11.05
N ASN A 13 2.19 14.93 -10.12
CA ASN A 13 2.06 16.34 -10.48
C ASN A 13 0.86 16.57 -11.39
N GLY A 14 -0.25 15.90 -11.08
CA GLY A 14 -1.49 16.12 -11.79
C GLY A 14 -1.60 15.38 -13.10
N LYS A 15 -0.60 14.56 -13.43
CA LYS A 15 -0.53 13.88 -14.71
C LYS A 15 -0.68 12.41 -14.45
N PRO A 16 -1.57 11.71 -15.15
CA PRO A 16 -1.79 10.29 -14.85
C PRO A 16 -0.58 9.42 -15.18
N LEU A 17 -0.27 8.53 -14.26
CA LEU A 17 0.73 7.50 -14.46
C LEU A 17 0.12 6.18 -14.87
N GLY A 18 -1.11 5.93 -14.50
CA GLY A 18 -1.81 4.72 -14.87
C GLY A 18 -2.36 3.98 -13.67
N ARG A 19 -2.75 2.73 -13.93
CA ARG A 19 -3.44 1.91 -12.95
C ARG A 19 -2.57 0.76 -12.44
N VAL A 20 -2.60 0.57 -11.14
CA VAL A 20 -1.97 -0.56 -10.47
C VAL A 20 -3.10 -1.49 -10.06
N VAL A 21 -3.02 -2.76 -10.45
CA VAL A 21 -4.00 -3.75 -10.02
C VAL A 21 -3.33 -4.71 -9.07
N LEU A 22 -3.98 -4.95 -7.92
CA LEU A 22 -3.44 -5.72 -6.82
C LEU A 22 -4.38 -6.87 -6.51
N GLU A 23 -3.83 -8.07 -6.40
CA GLU A 23 -4.55 -9.22 -5.86
C GLU A 23 -4.32 -9.26 -4.35
N LEU A 24 -5.40 -9.34 -3.57
CA LEU A 24 -5.31 -9.44 -2.11
C LEU A 24 -5.50 -10.89 -1.68
N LYS A 25 -4.56 -11.40 -0.87
CA LYS A 25 -4.51 -12.83 -0.53
C LYS A 25 -5.41 -13.10 0.68
N ALA A 26 -6.71 -12.92 0.44
CA ALA A 26 -7.72 -13.10 1.47
C ALA A 26 -7.78 -14.55 1.93
N ASP A 27 -7.29 -15.47 1.10
CA ASP A 27 -7.22 -16.87 1.51
C ASP A 27 -6.23 -17.07 2.66
N VAL A 28 -5.13 -16.32 2.66
CA VAL A 28 -4.08 -16.49 3.67
C VAL A 28 -4.19 -15.47 4.81
N VAL A 29 -4.53 -14.22 4.49
CA VAL A 29 -4.67 -13.16 5.48
C VAL A 29 -6.02 -12.48 5.26
N PRO A 30 -7.12 -13.16 5.58
CA PRO A 30 -8.45 -12.56 5.34
C PRO A 30 -8.66 -11.23 6.01
N LYS A 31 -8.21 -11.05 7.25
CA LYS A 31 -8.50 -9.81 7.98
C LYS A 31 -7.72 -8.64 7.39
N THR A 32 -6.45 -8.86 7.07
CA THR A 32 -5.61 -7.80 6.51
C THR A 32 -6.07 -7.46 5.10
N ALA A 33 -6.42 -8.48 4.31
CA ALA A 33 -6.93 -8.24 2.96
C ALA A 33 -8.22 -7.43 2.98
N GLU A 34 -9.14 -7.76 3.90
CA GLU A 34 -10.42 -7.05 3.93
C GLU A 34 -10.22 -5.58 4.32
N ASN A 35 -9.31 -5.30 5.24
CA ASN A 35 -9.02 -3.91 5.58
C ASN A 35 -8.60 -3.13 4.34
N PHE A 36 -7.64 -3.65 3.58
CA PHE A 36 -7.19 -2.92 2.40
C PHE A 36 -8.30 -2.76 1.39
N ARG A 37 -9.05 -3.84 1.17
CA ARG A 37 -10.15 -3.79 0.20
C ARG A 37 -11.14 -2.70 0.58
N ALA A 38 -11.54 -2.66 1.85
CA ALA A 38 -12.52 -1.68 2.32
C ALA A 38 -11.97 -0.27 2.26
N LEU A 39 -10.66 -0.10 2.45
CA LEU A 39 -10.09 1.23 2.33
C LEU A 39 -10.00 1.67 0.87
N CYS A 40 -9.93 0.70 -0.05
CA CYS A 40 -9.97 1.05 -1.47
C CYS A 40 -11.37 1.46 -1.88
N THR A 41 -12.39 0.81 -1.34
CA THR A 41 -13.75 1.15 -1.73
C THR A 41 -14.30 2.32 -0.93
N GLY A 42 -13.73 2.59 0.24
CA GLY A 42 -14.23 3.65 1.09
C GLY A 42 -15.49 3.28 1.84
N GLU A 43 -15.80 2.00 1.99
CA GLU A 43 -17.14 1.70 2.43
C GLU A 43 -17.40 2.01 3.90
N LYS A 44 -16.36 2.21 4.72
CA LYS A 44 -16.57 2.64 6.11
C LYS A 44 -16.60 4.15 6.25
N GLY A 45 -16.47 4.88 5.15
CA GLY A 45 -16.56 6.33 5.17
C GLY A 45 -15.21 7.02 5.07
N PHE A 46 -14.14 6.26 4.91
CA PHE A 46 -12.79 6.79 4.79
C PHE A 46 -11.98 5.77 4.01
N GLY A 47 -10.84 6.21 3.50
CA GLY A 47 -9.98 5.32 2.76
C GLY A 47 -8.96 6.08 1.92
N TYR A 48 -8.45 5.37 0.91
CA TYR A 48 -7.24 5.81 0.23
C TYR A 48 -7.46 6.87 -0.84
N LYS A 49 -8.70 7.05 -1.33
CA LYS A 49 -8.91 7.98 -2.42
C LYS A 49 -8.42 9.37 -2.04
N GLY A 50 -7.53 9.93 -2.86
CA GLY A 50 -6.98 11.25 -2.64
C GLY A 50 -5.70 11.29 -1.84
N SER A 51 -5.32 10.19 -1.20
CA SER A 51 -4.12 10.17 -0.38
C SER A 51 -2.90 9.94 -1.27
N THR A 52 -1.71 10.03 -0.67
CA THR A 52 -0.49 10.10 -1.44
C THR A 52 0.45 8.93 -1.19
N PHE A 53 1.38 8.72 -2.13
CA PHE A 53 2.60 7.98 -1.84
C PHE A 53 3.57 8.97 -1.23
N HIS A 54 3.74 8.92 0.10
CA HIS A 54 4.48 9.94 0.80
C HIS A 54 5.94 9.57 1.03
N ARG A 55 6.32 8.31 0.81
CA ARG A 55 7.71 7.89 1.03
C ARG A 55 8.03 6.85 -0.03
N VAL A 56 8.92 7.20 -0.94
CA VAL A 56 9.25 6.36 -2.08
C VAL A 56 10.76 6.31 -2.16
N ILE A 57 11.34 5.13 -2.02
CA ILE A 57 12.78 4.96 -1.98
C ILE A 57 13.19 4.05 -3.12
N PRO A 58 13.98 4.53 -4.08
CA PRO A 58 14.38 3.68 -5.21
C PRO A 58 15.09 2.43 -4.74
N SER A 59 14.79 1.33 -5.41
CA SER A 59 15.38 0.03 -5.11
C SER A 59 14.99 -0.46 -3.72
N PHE A 60 13.86 -0.01 -3.23
CA PHE A 60 13.33 -0.49 -1.96
C PHE A 60 11.81 -0.66 -2.09
N MET A 61 11.04 0.42 -1.93
CA MET A 61 9.59 0.28 -1.93
C MET A 61 8.97 1.66 -2.09
N CYS A 62 7.68 1.64 -2.47
CA CYS A 62 6.80 2.80 -2.54
C CYS A 62 5.73 2.69 -1.46
N GLN A 63 5.63 3.70 -0.59
CA GLN A 63 4.78 3.65 0.60
C GLN A 63 3.67 4.70 0.55
N ALA A 64 2.48 4.31 0.99
CA ALA A 64 1.31 5.14 0.86
C ALA A 64 0.34 4.83 2.00
N GLY A 65 -0.80 5.51 1.97
CA GLY A 65 -1.89 5.15 2.84
C GLY A 65 -2.05 5.96 4.11
N ASP A 66 -1.24 6.98 4.33
CA ASP A 66 -1.42 7.83 5.52
C ASP A 66 -2.39 8.94 5.18
N PHE A 67 -3.69 8.62 5.20
CA PHE A 67 -4.72 9.60 4.90
C PHE A 67 -5.14 10.39 6.14
N THR A 68 -4.49 10.20 7.28
CA THR A 68 -4.82 11.05 8.42
C THR A 68 -3.76 12.12 8.71
N ASN A 69 -2.48 11.80 8.56
N ASN A 69 -2.47 11.78 8.67
CA ASN A 69 -1.39 12.77 8.77
CA ASN A 69 -1.42 12.75 8.90
C ASN A 69 -0.52 13.04 7.54
C ASN A 69 -0.58 13.02 7.65
N HIS A 70 -0.68 12.24 6.46
N HIS A 70 -0.75 12.22 6.60
CA HIS A 70 -0.05 12.36 5.14
CA HIS A 70 -0.16 12.49 5.29
C HIS A 70 1.47 12.43 5.17
C HIS A 70 1.35 12.73 5.38
N ASN A 71 2.08 11.91 6.21
N ASN A 71 2.03 11.90 6.18
CA ASN A 71 3.52 12.03 6.36
CA ASN A 71 3.47 11.99 6.30
C ASN A 71 4.17 10.79 6.94
C ASN A 71 4.15 10.79 6.95
N GLY A 72 3.42 9.69 7.11
CA GLY A 72 3.98 8.47 7.63
C GLY A 72 3.79 8.25 9.12
N THR A 73 3.13 9.17 9.80
CA THR A 73 2.92 9.04 11.24
C THR A 73 1.50 8.63 11.60
N GLY A 74 0.62 8.46 10.61
CA GLY A 74 -0.81 8.31 10.85
C GLY A 74 -1.41 7.12 10.11
N GLY A 75 -2.71 7.25 9.86
CA GLY A 75 -3.51 6.19 9.27
C GLY A 75 -4.43 5.56 10.31
N LYS A 76 -5.39 4.80 9.79
CA LYS A 76 -6.24 4.02 10.67
C LYS A 76 -6.88 2.90 9.86
N SER A 77 -7.16 1.80 10.55
CA SER A 77 -7.77 0.64 9.92
C SER A 77 -9.29 0.68 10.07
N ILE A 78 -9.95 -0.28 9.43
CA ILE A 78 -11.40 -0.38 9.58
C ILE A 78 -11.80 -1.02 10.89
N TYR A 79 -10.83 -1.50 11.68
CA TYR A 79 -11.07 -2.16 12.96
C TYR A 79 -10.76 -1.26 14.15
N GLY A 80 -10.29 -0.05 13.90
CA GLY A 80 -9.71 0.80 14.91
C GLY A 80 -8.41 1.38 14.42
N SER A 81 -7.80 2.20 15.28
CA SER A 81 -6.57 2.88 14.88
C SER A 81 -5.52 1.88 14.39
N ARG A 82 -5.35 0.78 15.12
CA ARG A 82 -4.34 -0.22 14.80
C ARG A 82 -4.95 -1.60 14.99
N PHE A 83 -4.39 -2.59 14.30
CA PHE A 83 -4.78 -3.97 14.55
C PHE A 83 -3.54 -4.87 14.54
N PRO A 84 -3.63 -6.03 15.20
CA PRO A 84 -2.46 -6.91 15.31
C PRO A 84 -1.99 -7.49 13.98
N ASP A 85 -0.74 -7.90 13.99
CA ASP A 85 -0.19 -8.67 12.89
C ASP A 85 -0.92 -10.01 12.80
N GLU A 86 -1.60 -10.23 11.67
CA GLU A 86 -2.47 -11.40 11.53
C GLU A 86 -1.67 -12.68 11.45
N ASN A 87 -0.68 -12.72 10.56
CA ASN A 87 0.31 -13.78 10.50
C ASN A 87 1.43 -13.24 9.63
N PHE A 88 2.54 -13.97 9.58
CA PHE A 88 3.67 -13.66 8.74
C PHE A 88 3.89 -14.74 7.70
N THR A 89 2.79 -15.36 7.26
CA THR A 89 2.91 -16.52 6.38
C THR A 89 3.55 -16.13 5.05
N LEU A 90 3.01 -15.11 4.38
CA LEU A 90 3.54 -14.71 3.08
C LEU A 90 4.81 -13.90 3.29
N LYS A 91 5.76 -14.06 2.36
CA LYS A 91 7.09 -13.47 2.49
C LYS A 91 7.36 -12.42 1.42
N HIS A 92 8.38 -11.60 1.67
CA HIS A 92 8.77 -10.52 0.77
C HIS A 92 9.65 -11.15 -0.31
N VAL A 93 9.00 -11.69 -1.33
CA VAL A 93 9.69 -12.55 -2.28
C VAL A 93 10.34 -11.81 -3.46
N GLY A 94 10.00 -10.56 -3.68
CA GLY A 94 10.51 -9.83 -4.80
C GLY A 94 9.71 -8.57 -5.09
N PRO A 95 9.99 -7.95 -6.23
CA PRO A 95 9.21 -6.77 -6.62
C PRO A 95 7.73 -7.12 -6.75
N GLY A 96 6.89 -6.15 -6.43
CA GLY A 96 5.46 -6.29 -6.57
C GLY A 96 4.73 -6.77 -5.35
N VAL A 97 5.46 -7.17 -4.31
CA VAL A 97 4.86 -7.56 -3.04
C VAL A 97 4.16 -6.37 -2.41
N LEU A 98 2.94 -6.61 -1.92
CA LEU A 98 2.11 -5.65 -1.21
C LEU A 98 2.08 -6.04 0.25
N SER A 99 2.50 -5.12 1.11
CA SER A 99 2.73 -5.44 2.52
C SER A 99 2.33 -4.25 3.39
N MET A 100 2.05 -4.54 4.67
CA MET A 100 1.60 -3.50 5.59
C MET A 100 2.80 -2.75 6.16
N ALA A 101 2.77 -1.42 6.03
CA ALA A 101 3.69 -0.59 6.79
C ALA A 101 3.34 -0.70 8.28
N ASN A 102 4.33 -0.46 9.13
CA ASN A 102 4.02 -0.42 10.56
C ASN A 102 5.09 0.38 11.28
N ALA A 103 4.82 0.64 12.56
CA ALA A 103 5.72 1.31 13.48
C ALA A 103 6.10 0.35 14.59
N GLY A 104 6.34 -0.91 14.21
CA GLY A 104 6.65 -1.94 15.16
C GLY A 104 5.53 -2.95 15.28
N PRO A 105 5.68 -3.89 16.22
CA PRO A 105 4.71 -4.99 16.35
C PRO A 105 3.29 -4.48 16.54
N ASN A 106 2.33 -5.10 15.86
CA ASN A 106 0.89 -4.89 16.08
C ASN A 106 0.48 -3.43 15.97
N THR A 107 0.98 -2.76 14.93
CA THR A 107 0.61 -1.38 14.64
C THR A 107 0.12 -1.18 13.21
N ASN A 108 -0.46 -2.23 12.60
CA ASN A 108 -1.08 -2.07 11.31
C ASN A 108 -2.23 -1.09 11.38
N GLY A 109 -2.32 -0.20 10.40
CA GLY A 109 -3.45 0.71 10.30
C GLY A 109 -3.94 0.74 8.86
N SER A 110 -3.51 1.76 8.11
CA SER A 110 -3.82 1.89 6.70
C SER A 110 -2.59 2.00 5.81
N GLN A 111 -1.45 2.40 6.36
CA GLN A 111 -0.28 2.56 5.52
C GLN A 111 0.19 1.22 4.99
N PHE A 112 0.63 1.23 3.74
CA PHE A 112 1.04 0.03 3.03
C PHE A 112 2.22 0.36 2.15
N PHE A 113 2.89 -0.68 1.64
CA PHE A 113 3.92 -0.43 0.64
C PHE A 113 3.90 -1.49 -0.45
N ILE A 114 4.41 -1.09 -1.62
CA ILE A 114 4.65 -1.99 -2.75
C ILE A 114 6.15 -2.06 -2.96
N CYS A 115 6.69 -3.28 -2.93
CA CYS A 115 8.13 -3.46 -3.07
C CYS A 115 8.59 -3.32 -4.52
N THR A 116 9.79 -2.76 -4.70
CA THR A 116 10.42 -2.74 -6.01
C THR A 116 11.66 -3.61 -6.06
N ILE A 117 11.92 -4.36 -4.99
CA ILE A 117 13.03 -5.30 -4.86
C ILE A 117 12.59 -6.35 -3.86
N LYS A 118 13.32 -7.47 -3.78
CA LYS A 118 13.09 -8.46 -2.73
C LYS A 118 13.50 -7.86 -1.39
N THR A 119 12.53 -7.62 -0.50
CA THR A 119 12.82 -7.00 0.79
C THR A 119 12.76 -8.05 1.89
N ASP A 120 13.63 -9.06 1.80
CA ASP A 120 13.51 -10.23 2.66
C ASP A 120 13.76 -9.89 4.12
N TRP A 121 14.49 -8.82 4.41
CA TRP A 121 14.76 -8.46 5.78
C TRP A 121 13.51 -8.00 6.51
N LEU A 122 12.40 -7.81 5.80
CA LEU A 122 11.13 -7.45 6.43
C LEU A 122 10.29 -8.67 6.75
N ASP A 123 10.77 -9.86 6.40
CA ASP A 123 10.02 -11.08 6.68
C ASP A 123 9.85 -11.23 8.18
N GLY A 124 8.63 -11.53 8.61
CA GLY A 124 8.37 -11.72 10.01
C GLY A 124 8.18 -10.43 10.78
N LYS A 125 8.32 -9.29 10.12
CA LYS A 125 8.12 -8.00 10.73
C LYS A 125 6.98 -7.22 10.10
N HIS A 126 6.72 -7.40 8.81
CA HIS A 126 5.65 -6.75 8.09
C HIS A 126 4.75 -7.82 7.47
N VAL A 127 3.44 -7.61 7.57
CA VAL A 127 2.46 -8.58 7.11
C VAL A 127 2.24 -8.38 5.60
N VAL A 128 2.69 -9.36 4.82
CA VAL A 128 2.43 -9.41 3.39
C VAL A 128 1.01 -9.88 3.13
N PHE A 129 0.32 -9.22 2.21
CA PHE A 129 -1.08 -9.59 1.99
C PHE A 129 -1.52 -9.45 0.53
N GLY A 130 -0.63 -9.21 -0.41
CA GLY A 130 -1.03 -9.22 -1.80
C GLY A 130 0.16 -9.01 -2.71
N HIS A 131 -0.15 -8.70 -3.96
CA HIS A 131 0.87 -8.61 -4.99
C HIS A 131 0.29 -7.87 -6.19
N VAL A 132 1.17 -7.12 -6.86
CA VAL A 132 0.82 -6.46 -8.11
C VAL A 132 0.65 -7.50 -9.21
N ILE A 133 -0.47 -7.44 -9.92
CA ILE A 133 -0.70 -8.35 -11.04
C ILE A 133 -0.81 -7.63 -12.38
N GLU A 134 -0.85 -6.30 -12.38
CA GLU A 134 -0.90 -5.48 -13.58
C GLU A 134 -0.48 -4.09 -13.13
N GLY A 135 0.31 -3.41 -13.95
CA GLY A 135 0.73 -2.06 -13.64
C GLY A 135 2.03 -1.94 -12.87
N MET A 136 2.88 -2.96 -12.89
CA MET A 136 4.19 -2.81 -12.30
C MET A 136 4.96 -1.68 -12.97
N ASP A 137 4.67 -1.40 -14.24
CA ASP A 137 5.31 -0.26 -14.90
C ASP A 137 4.95 1.03 -14.20
N VAL A 138 3.70 1.13 -13.75
CA VAL A 138 3.26 2.30 -13.03
C VAL A 138 3.99 2.42 -11.70
N VAL A 139 4.16 1.29 -11.00
CA VAL A 139 4.93 1.30 -9.77
C VAL A 139 6.35 1.80 -10.04
N LYS A 140 6.93 1.40 -11.17
CA LYS A 140 8.28 1.85 -11.49
C LYS A 140 8.32 3.35 -11.78
N LYS A 141 7.24 3.90 -12.35
CA LYS A 141 7.18 5.34 -12.54
C LYS A 141 7.14 6.05 -11.18
N ILE A 142 6.33 5.53 -10.25
CA ILE A 142 6.30 6.11 -8.90
C ILE A 142 7.69 6.10 -8.31
N GLU A 143 8.36 4.94 -8.37
CA GLU A 143 9.70 4.79 -7.85
C GLU A 143 10.65 5.82 -8.43
N SER A 144 10.49 6.14 -9.72
CA SER A 144 11.39 7.09 -10.38
C SER A 144 11.31 8.49 -9.78
N PHE A 145 10.26 8.80 -9.02
CA PHE A 145 10.13 10.11 -8.41
C PHE A 145 10.42 10.09 -6.94
N GLY A 146 11.00 8.99 -6.45
CA GLY A 146 11.46 8.92 -5.08
C GLY A 146 12.89 9.40 -4.94
N SER A 147 13.41 9.22 -3.74
CA SER A 147 14.75 9.68 -3.42
C SER A 147 15.28 8.81 -2.28
N LYS A 148 16.57 8.99 -1.98
CA LYS A 148 17.17 8.18 -0.93
C LYS A 148 16.48 8.39 0.40
N SER A 149 16.06 9.63 0.70
CA SER A 149 15.36 9.89 1.95
C SER A 149 13.90 9.46 1.92
N GLY A 150 13.36 9.23 0.74
CA GLY A 150 11.98 8.90 0.56
C GLY A 150 11.12 10.07 0.13
N ARG A 151 11.62 11.29 0.26
CA ARG A 151 10.86 12.44 -0.19
C ARG A 151 10.67 12.38 -1.69
N THR A 152 9.46 12.67 -2.15
CA THR A 152 9.16 12.56 -3.56
C THR A 152 9.42 13.87 -4.30
N SER A 153 9.87 13.70 -5.57
CA SER A 153 10.22 14.77 -6.48
C SER A 153 9.00 15.43 -7.12
N LYS A 154 7.87 14.72 -7.12
CA LYS A 154 6.58 15.17 -7.60
C LYS A 154 5.55 14.73 -6.58
N LYS A 155 4.39 15.39 -6.57
CA LYS A 155 3.29 14.97 -5.71
C LYS A 155 2.64 13.73 -6.32
N ILE A 156 2.72 12.60 -5.62
CA ILE A 156 2.20 11.31 -6.12
C ILE A 156 0.88 11.02 -5.42
N VAL A 157 -0.23 11.00 -6.17
CA VAL A 157 -1.57 10.99 -5.59
C VAL A 157 -2.36 9.81 -6.12
N ILE A 158 -3.00 9.08 -5.21
CA ILE A 158 -3.98 8.05 -5.56
C ILE A 158 -5.28 8.80 -5.85
N THR A 159 -5.56 9.05 -7.13
CA THR A 159 -6.71 9.85 -7.53
C THR A 159 -8.00 9.05 -7.49
N ASP A 160 -7.91 7.73 -7.66
CA ASP A 160 -9.07 6.87 -7.53
C ASP A 160 -8.59 5.49 -7.13
N CYS A 161 -9.50 4.72 -6.55
CA CYS A 161 -9.20 3.38 -6.10
C CYS A 161 -10.52 2.68 -5.84
N GLY A 162 -10.48 1.36 -5.82
CA GLY A 162 -11.71 0.59 -5.70
C GLY A 162 -11.47 -0.87 -5.94
N GLN A 163 -12.57 -1.61 -6.02
CA GLN A 163 -12.52 -3.04 -6.19
C GLN A 163 -12.94 -3.37 -7.61
N LEU A 164 -12.22 -4.28 -8.23
CA LEU A 164 -12.56 -4.73 -9.59
C LEU A 164 -13.42 -5.97 -9.44
N SER A 165 -14.75 -5.77 -9.54
CA SER A 165 -15.76 -6.79 -9.37
C SER A 165 -16.70 -6.74 -10.55
#